data_7Z5X
#
_entry.id   7Z5X
#
_cell.length_a   80.061
_cell.length_b   41.210
_cell.length_c   85.570
_cell.angle_alpha   90.000
_cell.angle_beta   92.090
_cell.angle_gamma   90.000
#
_symmetry.space_group_name_H-M   'P 1 21 1'
#
loop_
_entity.id
_entity.type
_entity.pdbx_description
1 polymer 'Proto-oncogene tyrosine-protein kinase ROS'
2 non-polymer (2R)-2-[5-(6-amino-5-{(1R)-1-[2-(1,3-dihydro-2H-1,2,3-triazol-2-yl)-5-fluorophenyl]ethoxy}pyridin-3-yl)-4-methyl-1,3-thiazol-2-yl]propane-1,2-diol
3 water water
#
_entity_poly.entity_id   1
_entity_poly.type   'polypeptide(L)'
_entity_poly.pdbx_seq_one_letter_code
;GSTQEEIENLPAFPREKLTLRLLLGSGAFGEVYEGTAVDILGVGSGEIKVAVKTLKKGSTDQEKIEFLKEAHLMSKFNHP
NILKQLGVCLLNEPQYIILELMEGGDLLTYLRKARMATFYGPLLTLVDLVDLCVDISKGCVYLERMHFIHRDLAARNCLV
SVKDYTSPRIVKIGDFGLARDIYKNDYYRKRGEGLLPVRWMAPESLMDGIFTTQSDVWSFGILIWEILTLGHQPYPAHSN
LDVLNYVQTGGRLEPPRNCPDDLWNLMTQCWAQEPDQRPTFHRIQDQLQLFRNFFLNSIYKSRDEANNSGVINESFEGED
GDVICLNSDLE
;
_entity_poly.pdbx_strand_id   A,B
#
# COMPACT_ATOMS: atom_id res chain seq x y z
N LEU A 10 4.07 15.93 -15.07
CA LEU A 10 4.81 14.73 -15.48
C LEU A 10 5.72 15.08 -16.63
N PRO A 11 7.04 14.81 -16.50
CA PRO A 11 7.96 15.20 -17.56
C PRO A 11 8.09 14.19 -18.67
N ALA A 12 7.07 14.10 -19.56
CA ALA A 12 7.07 13.18 -20.71
C ALA A 12 8.39 13.28 -21.51
N PHE A 13 9.02 12.14 -21.81
CA PHE A 13 10.30 12.14 -22.50
C PHE A 13 10.30 11.13 -23.65
N PRO A 14 10.85 11.49 -24.82
CA PRO A 14 10.86 10.54 -25.95
C PRO A 14 11.79 9.36 -25.69
N ARG A 15 11.26 8.14 -25.73
CA ARG A 15 12.05 6.92 -25.52
C ARG A 15 13.15 6.75 -26.56
N GLU A 16 13.01 7.39 -27.74
CA GLU A 16 14.02 7.36 -28.80
C GLU A 16 15.32 8.03 -28.32
N LYS A 17 15.23 9.01 -27.37
CA LYS A 17 16.41 9.68 -26.79
C LYS A 17 16.95 8.96 -25.54
N LEU A 18 16.50 7.73 -25.26
CA LEU A 18 16.91 6.98 -24.07
C LEU A 18 17.58 5.65 -24.43
N THR A 19 18.77 5.39 -23.87
CA THR A 19 19.46 4.12 -24.11
C THR A 19 19.63 3.33 -22.82
N LEU A 20 19.16 2.09 -22.76
CA LEU A 20 19.33 1.25 -21.57
C LEU A 20 20.66 0.52 -21.75
N ARG A 21 21.67 0.90 -20.98
CA ARG A 21 23.00 0.36 -21.13
C ARG A 21 23.28 -0.91 -20.34
N LEU A 22 22.84 -1.00 -19.08
CA LEU A 22 23.13 -2.18 -18.28
C LEU A 22 22.19 -2.38 -17.10
N LEU A 23 22.01 -3.62 -16.65
CA LEU A 23 21.14 -3.97 -15.54
C LEU A 23 21.74 -3.63 -14.16
N LEU A 24 21.03 -2.82 -13.36
CA LEU A 24 21.48 -2.42 -12.02
C LEU A 24 20.86 -3.32 -10.92
N GLY A 25 19.59 -3.69 -11.09
CA GLY A 25 18.88 -4.50 -10.12
C GLY A 25 17.43 -4.72 -10.53
N SER A 26 16.60 -5.26 -9.61
CA SER A 26 15.19 -5.54 -9.92
C SER A 26 14.20 -4.54 -9.28
N GLY A 27 14.38 -4.22 -8.01
CA GLY A 27 13.51 -3.27 -7.33
C GLY A 27 12.14 -3.78 -6.94
N ALA A 28 11.07 -3.37 -7.68
CA ALA A 28 9.71 -3.77 -7.30
C ALA A 28 8.70 -3.94 -8.45
N PHE A 29 8.88 -3.24 -9.60
CA PHE A 29 7.90 -3.34 -10.70
C PHE A 29 8.40 -4.14 -11.91
N GLY A 30 9.68 -4.00 -12.19
CA GLY A 30 10.35 -4.67 -13.28
C GLY A 30 11.83 -4.62 -13.02
N GLU A 31 12.60 -4.18 -14.00
CA GLU A 31 14.04 -4.08 -13.86
C GLU A 31 14.49 -2.64 -13.79
N VAL A 32 15.64 -2.41 -13.15
CA VAL A 32 16.21 -1.08 -13.08
C VAL A 32 17.51 -1.11 -13.86
N TYR A 33 17.66 -0.20 -14.83
CA TYR A 33 18.85 -0.07 -15.66
C TYR A 33 19.63 1.20 -15.42
N GLU A 34 20.89 1.19 -15.83
CA GLU A 34 21.70 2.37 -15.91
C GLU A 34 21.61 2.69 -17.40
N GLY A 35 21.34 3.94 -17.73
CA GLY A 35 21.20 4.34 -19.11
C GLY A 35 21.77 5.70 -19.43
N THR A 36 21.39 6.22 -20.60
CA THR A 36 21.82 7.52 -21.09
C THR A 36 20.60 8.24 -21.63
N ALA A 37 20.40 9.50 -21.24
CA ALA A 37 19.29 10.28 -21.76
C ALA A 37 19.87 11.52 -22.42
N VAL A 38 19.49 11.77 -23.69
CA VAL A 38 20.00 12.93 -24.41
C VAL A 38 19.09 14.13 -24.22
N ASP A 39 19.65 15.26 -23.75
CA ASP A 39 18.92 16.51 -23.60
C ASP A 39 17.73 16.44 -22.67
N ILE A 40 17.80 15.56 -21.67
CA ILE A 40 16.71 15.42 -20.71
C ILE A 40 16.58 16.66 -19.75
N LEU A 41 17.63 17.49 -19.68
CA LEU A 41 17.66 18.71 -18.87
C LEU A 41 17.27 20.00 -19.70
N GLY A 42 17.29 19.88 -21.03
CA GLY A 42 17.02 20.96 -21.98
C GLY A 42 17.72 20.68 -23.31
N VAL A 43 17.41 21.46 -24.36
CA VAL A 43 17.93 21.27 -25.73
C VAL A 43 19.48 21.29 -25.90
N GLY A 44 20.23 21.93 -25.01
CA GLY A 44 21.69 21.96 -25.14
C GLY A 44 22.41 20.84 -24.40
N SER A 45 21.81 20.44 -23.27
CA SER A 45 22.26 19.50 -22.24
C SER A 45 23.28 18.43 -22.62
N GLY A 46 23.03 17.71 -23.71
CA GLY A 46 23.92 16.64 -24.12
C GLY A 46 23.55 15.31 -23.48
N GLU A 47 24.43 14.33 -23.62
CA GLU A 47 24.19 13.01 -23.06
C GLU A 47 24.45 13.00 -21.56
N ILE A 48 23.45 12.63 -20.75
CA ILE A 48 23.63 12.56 -19.31
C ILE A 48 23.29 11.15 -18.80
N LYS A 49 24.12 10.61 -17.91
CA LYS A 49 23.91 9.29 -17.35
C LYS A 49 22.67 9.30 -16.46
N VAL A 50 21.79 8.32 -16.63
CA VAL A 50 20.55 8.22 -15.86
C VAL A 50 20.35 6.78 -15.29
N ALA A 51 19.37 6.58 -14.40
CA ALA A 51 18.94 5.28 -13.92
C ALA A 51 17.48 5.15 -14.39
N VAL A 52 17.12 4.04 -15.04
CA VAL A 52 15.78 3.87 -15.53
C VAL A 52 15.03 2.77 -14.80
N LYS A 53 13.93 3.14 -14.15
CA LYS A 53 13.05 2.19 -13.50
C LYS A 53 12.03 1.77 -14.57
N THR A 54 11.85 0.46 -14.81
CA THR A 54 10.94 -0.03 -15.86
C THR A 54 9.72 -0.76 -15.28
N LEU A 55 8.64 -0.82 -16.05
CA LEU A 55 7.48 -1.62 -15.69
C LEU A 55 7.44 -2.69 -16.79
N LYS A 56 7.72 -3.94 -16.43
CA LYS A 56 7.76 -5.11 -17.34
C LYS A 56 6.60 -5.11 -18.34
N LYS A 57 6.86 -5.36 -19.63
CA LYS A 57 5.82 -5.44 -20.67
C LYS A 57 4.88 -6.61 -20.30
N GLY A 58 3.59 -6.39 -20.44
CA GLY A 58 2.57 -7.35 -20.03
C GLY A 58 2.08 -7.16 -18.60
N SER A 59 2.38 -5.98 -18.01
CA SER A 59 1.95 -5.68 -16.65
C SER A 59 0.44 -5.45 -16.62
N THR A 60 -0.17 -5.81 -15.52
CA THR A 60 -1.62 -5.66 -15.34
C THR A 60 -1.97 -4.18 -15.15
N ASP A 61 -3.27 -3.82 -15.29
CA ASP A 61 -3.73 -2.44 -15.11
C ASP A 61 -3.45 -1.94 -13.69
N GLN A 62 -3.57 -2.83 -12.71
CA GLN A 62 -3.29 -2.58 -11.30
C GLN A 62 -1.79 -2.22 -11.10
N GLU A 63 -0.88 -2.85 -11.88
CA GLU A 63 0.56 -2.56 -11.80
C GLU A 63 0.88 -1.24 -12.51
N LYS A 64 0.21 -0.96 -13.63
CA LYS A 64 0.40 0.30 -14.33
C LYS A 64 -0.07 1.48 -13.48
N ILE A 65 -1.20 1.31 -12.77
CA ILE A 65 -1.72 2.39 -11.92
C ILE A 65 -0.75 2.70 -10.78
N GLU A 66 -0.15 1.65 -10.16
CA GLU A 66 0.81 1.81 -9.07
C GLU A 66 2.10 2.48 -9.59
N PHE A 67 2.51 2.17 -10.83
CA PHE A 67 3.68 2.78 -11.46
C PHE A 67 3.40 4.26 -11.74
N LEU A 68 2.18 4.58 -12.19
CA LEU A 68 1.79 5.95 -12.47
C LEU A 68 1.79 6.78 -11.18
N LYS A 69 1.31 6.17 -10.06
CA LYS A 69 1.30 6.81 -8.74
C LYS A 69 2.72 7.16 -8.27
N GLU A 70 3.69 6.28 -8.55
CA GLU A 70 5.07 6.49 -8.17
C GLU A 70 5.65 7.65 -8.95
N ALA A 71 5.33 7.74 -10.27
CA ALA A 71 5.76 8.86 -11.11
C ALA A 71 5.15 10.15 -10.65
N HIS A 72 3.87 10.10 -10.21
CA HIS A 72 3.22 11.30 -9.69
C HIS A 72 3.89 11.77 -8.43
N LEU A 73 4.16 10.87 -7.48
CA LEU A 73 4.86 11.19 -6.24
C LEU A 73 6.24 11.86 -6.49
N MET A 74 7.06 11.29 -7.35
CA MET A 74 8.39 11.81 -7.68
C MET A 74 8.34 13.15 -8.39
N SER A 75 7.32 13.39 -9.21
CA SER A 75 7.21 14.66 -9.94
C SER A 75 7.11 15.91 -9.01
N LYS A 76 6.88 15.69 -7.72
CA LYS A 76 6.74 16.77 -6.75
C LYS A 76 8.04 17.22 -6.09
N PHE A 77 9.12 16.45 -6.24
CA PHE A 77 10.36 16.76 -5.58
C PHE A 77 11.40 17.49 -6.42
N ASN A 78 11.91 18.57 -5.83
CA ASN A 78 13.01 19.35 -6.38
C ASN A 78 13.85 19.82 -5.23
N HIS A 79 14.81 19.03 -4.81
CA HIS A 79 15.70 19.39 -3.70
C HIS A 79 17.06 18.70 -3.90
N PRO A 80 18.19 19.34 -3.56
CA PRO A 80 19.50 18.71 -3.75
C PRO A 80 19.69 17.39 -3.00
N ASN A 81 18.95 17.21 -1.92
CA ASN A 81 19.06 15.99 -1.14
C ASN A 81 17.91 15.02 -1.40
N ILE A 82 17.16 15.20 -2.49
CA ILE A 82 16.09 14.27 -2.90
C ILE A 82 16.35 13.83 -4.31
N LEU A 83 16.28 12.50 -4.59
CA LEU A 83 16.50 11.94 -5.91
C LEU A 83 15.48 12.52 -6.86
N LYS A 84 15.94 12.98 -8.03
CA LYS A 84 15.06 13.65 -8.99
C LYS A 84 14.62 12.81 -10.16
N GLN A 85 13.33 12.88 -10.49
CA GLN A 85 12.80 12.18 -11.65
C GLN A 85 12.96 13.15 -12.84
N LEU A 86 13.80 12.78 -13.80
CA LEU A 86 14.12 13.62 -14.95
C LEU A 86 13.10 13.52 -16.08
N GLY A 87 12.52 12.34 -16.25
CA GLY A 87 11.50 12.13 -17.27
C GLY A 87 10.71 10.85 -17.08
N VAL A 88 9.65 10.68 -17.84
CA VAL A 88 8.83 9.46 -17.83
C VAL A 88 8.50 9.07 -19.29
N CYS A 89 8.37 7.77 -19.56
CA CYS A 89 7.98 7.25 -20.87
C CYS A 89 6.83 6.30 -20.54
N LEU A 90 5.62 6.82 -20.40
CA LEU A 90 4.46 6.04 -19.95
C LEU A 90 3.43 5.69 -21.02
N LEU A 91 3.61 6.17 -22.25
CA LEU A 91 2.62 5.94 -23.31
C LEU A 91 2.65 4.52 -23.87
N ASN A 92 3.81 3.86 -23.80
CA ASN A 92 3.97 2.51 -24.34
C ASN A 92 4.70 1.56 -23.38
N GLU A 93 4.68 0.25 -23.67
CA GLU A 93 5.32 -0.74 -22.82
C GLU A 93 6.66 -1.15 -23.42
N PRO A 94 7.69 -1.40 -22.60
CA PRO A 94 7.70 -1.25 -21.14
C PRO A 94 7.75 0.23 -20.78
N GLN A 95 7.00 0.59 -19.72
CA GLN A 95 6.99 1.98 -19.26
C GLN A 95 8.27 2.29 -18.48
N TYR A 96 8.70 3.57 -18.52
CA TYR A 96 9.94 4.02 -17.87
C TYR A 96 9.75 5.23 -16.95
N ILE A 97 10.51 5.27 -15.86
CA ILE A 97 10.66 6.38 -14.90
C ILE A 97 12.18 6.63 -14.96
N ILE A 98 12.60 7.77 -15.52
CA ILE A 98 14.01 8.09 -15.66
C ILE A 98 14.46 8.96 -14.49
N LEU A 99 15.45 8.51 -13.75
CA LEU A 99 15.98 9.15 -12.56
C LEU A 99 17.42 9.57 -12.78
N GLU A 100 17.91 10.53 -11.95
CA GLU A 100 19.33 10.87 -12.03
C GLU A 100 20.17 9.69 -11.54
N LEU A 101 21.31 9.48 -12.18
CA LEU A 101 22.14 8.37 -11.77
C LEU A 101 23.05 8.80 -10.60
N MET A 102 23.04 8.05 -9.50
CA MET A 102 23.89 8.34 -8.36
C MET A 102 24.96 7.27 -8.43
N GLU A 103 26.12 7.65 -8.99
CA GLU A 103 27.23 6.74 -9.31
C GLU A 103 27.82 6.02 -8.12
N GLY A 104 27.61 6.52 -6.92
CA GLY A 104 28.07 5.84 -5.72
C GLY A 104 27.19 4.70 -5.25
N GLY A 105 25.96 4.62 -5.77
CA GLY A 105 25.03 3.59 -5.36
C GLY A 105 24.42 3.90 -4.00
N ASP A 106 23.81 2.89 -3.36
CA ASP A 106 23.15 3.09 -2.09
C ASP A 106 24.12 3.41 -0.94
N LEU A 107 23.64 4.14 0.04
CA LEU A 107 24.41 4.58 1.18
C LEU A 107 24.85 3.45 2.08
N LEU A 108 24.05 2.38 2.21
CA LEU A 108 24.44 1.26 3.08
C LEU A 108 25.69 0.58 2.53
N THR A 109 25.75 0.33 1.22
CA THR A 109 26.91 -0.29 0.59
C THR A 109 28.10 0.64 0.66
N TYR A 110 27.88 1.95 0.46
CA TYR A 110 28.92 2.95 0.52
C TYR A 110 29.56 3.01 1.90
N LEU A 111 28.74 3.02 2.97
CA LEU A 111 29.18 3.03 4.35
C LEU A 111 29.94 1.74 4.68
N ARG A 112 29.36 0.59 4.32
CA ARG A 112 29.99 -0.71 4.58
C ARG A 112 31.37 -0.88 3.95
N LYS A 113 31.53 -0.45 2.69
CA LYS A 113 32.81 -0.55 1.98
C LYS A 113 33.84 0.34 2.65
N ALA A 114 33.45 1.56 3.08
CA ALA A 114 34.36 2.45 3.78
C ALA A 114 34.95 1.80 5.05
N ARG A 115 34.14 1.02 5.78
CA ARG A 115 34.57 0.38 7.00
C ARG A 115 35.49 -0.82 6.75
N MET A 116 35.18 -1.62 5.73
CA MET A 116 35.87 -2.88 5.48
C MET A 116 37.03 -2.86 4.51
N ALA A 117 37.37 -1.71 3.91
CA ALA A 117 38.44 -1.66 2.91
C ALA A 117 39.83 -1.93 3.45
N THR A 118 40.17 -1.39 4.63
CA THR A 118 41.49 -1.58 5.23
C THR A 118 41.42 -1.51 6.75
N PHE A 119 42.40 -2.16 7.44
CA PHE A 119 42.46 -2.09 8.90
C PHE A 119 43.16 -0.81 9.40
N TYR A 120 43.78 0.00 8.48
CA TYR A 120 44.35 1.31 8.84
C TYR A 120 43.25 2.24 9.42
N GLY A 121 42.03 2.08 8.93
CA GLY A 121 40.89 2.86 9.40
C GLY A 121 39.81 2.98 8.35
N PRO A 122 38.67 3.54 8.75
CA PRO A 122 37.59 3.72 7.78
C PRO A 122 37.93 4.75 6.70
N LEU A 123 37.37 4.55 5.52
CA LEU A 123 37.57 5.47 4.40
C LEU A 123 36.72 6.74 4.50
N LEU A 124 35.96 6.89 5.58
CA LEU A 124 35.14 8.05 5.90
C LEU A 124 35.52 8.44 7.32
N THR A 125 35.66 9.75 7.57
CA THR A 125 35.99 10.30 8.87
C THR A 125 34.70 10.81 9.56
N LEU A 126 34.78 11.29 10.81
CA LEU A 126 33.65 11.86 11.51
C LEU A 126 33.07 13.06 10.76
N VAL A 127 33.91 13.93 10.19
CA VAL A 127 33.40 15.10 9.49
C VAL A 127 32.65 14.65 8.17
N ASP A 128 33.10 13.57 7.52
CA ASP A 128 32.38 13.03 6.35
C ASP A 128 31.01 12.51 6.77
N LEU A 129 30.97 11.79 7.90
CA LEU A 129 29.75 11.21 8.41
C LEU A 129 28.78 12.27 8.94
N VAL A 130 29.29 13.38 9.50
CA VAL A 130 28.44 14.47 9.98
C VAL A 130 27.83 15.19 8.78
N ASP A 131 28.62 15.39 7.70
CA ASP A 131 28.11 15.99 6.48
C ASP A 131 26.99 15.11 5.85
N LEU A 132 27.09 13.77 5.96
CA LEU A 132 26.07 12.85 5.44
C LEU A 132 24.78 13.05 6.23
N CYS A 133 24.88 13.14 7.57
CA CYS A 133 23.72 13.35 8.45
C CYS A 133 23.05 14.67 8.10
N VAL A 134 23.87 15.74 7.95
CA VAL A 134 23.36 17.08 7.60
C VAL A 134 22.62 17.05 6.26
N ASP A 135 23.23 16.44 5.25
CA ASP A 135 22.59 16.37 3.94
C ASP A 135 21.26 15.60 3.96
N ILE A 136 21.16 14.47 4.70
CA ILE A 136 19.90 13.73 4.76
C ILE A 136 18.86 14.55 5.52
N SER A 137 19.29 15.23 6.62
CA SER A 137 18.37 16.06 7.38
C SER A 137 17.85 17.25 6.56
N LYS A 138 18.62 17.79 5.61
CA LYS A 138 18.10 18.85 4.72
C LYS A 138 16.97 18.30 3.83
N GLY A 139 17.15 17.07 3.35
CA GLY A 139 16.13 16.37 2.59
C GLY A 139 14.86 16.16 3.41
N CYS A 140 14.99 15.72 4.67
CA CYS A 140 13.88 15.50 5.59
C CYS A 140 13.11 16.79 5.95
N VAL A 141 13.83 17.92 6.13
CA VAL A 141 13.26 19.26 6.37
C VAL A 141 12.41 19.64 5.14
N TYR A 142 12.89 19.31 3.94
CA TYR A 142 12.14 19.58 2.72
C TYR A 142 10.83 18.77 2.72
N LEU A 143 10.92 17.48 3.06
CA LEU A 143 9.78 16.56 3.11
C LEU A 143 8.78 16.97 4.15
N GLU A 144 9.23 17.44 5.29
CA GLU A 144 8.35 17.91 6.36
C GLU A 144 7.63 19.19 5.91
N ARG A 145 8.33 20.05 5.21
CA ARG A 145 7.80 21.29 4.65
C ARG A 145 6.74 20.98 3.56
N MET A 146 6.93 19.89 2.78
CA MET A 146 6.01 19.42 1.75
C MET A 146 4.87 18.53 2.29
N HIS A 147 4.91 18.18 3.59
CA HIS A 147 3.93 17.28 4.25
C HIS A 147 3.92 15.88 3.62
N PHE A 148 5.12 15.41 3.26
CA PHE A 148 5.30 14.09 2.71
C PHE A 148 5.85 13.18 3.78
N ILE A 149 5.11 12.11 4.08
CA ILE A 149 5.57 11.10 5.04
C ILE A 149 6.32 10.05 4.23
N HIS A 150 7.58 9.77 4.58
CA HIS A 150 8.44 8.83 3.86
C HIS A 150 8.14 7.36 4.16
N ARG A 151 7.98 6.99 5.44
CA ARG A 151 7.66 5.64 5.87
C ARG A 151 8.82 4.65 5.81
N ASP A 152 9.92 4.95 5.10
CA ASP A 152 11.02 3.99 4.98
C ASP A 152 12.41 4.64 4.93
N LEU A 153 12.68 5.60 5.85
CA LEU A 153 14.01 6.21 5.89
C LEU A 153 14.98 5.16 6.45
N ALA A 154 16.02 4.86 5.68
CA ALA A 154 17.05 3.85 6.01
C ALA A 154 18.18 4.07 5.01
N ALA A 155 19.40 3.70 5.37
CA ALA A 155 20.56 3.92 4.50
C ALA A 155 20.43 3.20 3.14
N ARG A 156 19.74 2.03 3.10
CA ARG A 156 19.50 1.29 1.85
C ARG A 156 18.61 2.07 0.85
N ASN A 157 17.97 3.16 1.33
CA ASN A 157 17.12 4.00 0.50
C ASN A 157 17.73 5.37 0.19
N CYS A 158 19.01 5.57 0.50
CA CYS A 158 19.73 6.79 0.21
C CYS A 158 20.79 6.45 -0.80
N LEU A 159 21.15 7.42 -1.64
CA LEU A 159 22.14 7.19 -2.70
C LEU A 159 23.26 8.22 -2.58
N VAL A 160 24.48 7.85 -2.99
CA VAL A 160 25.68 8.69 -2.95
C VAL A 160 26.12 9.04 -4.37
N SER A 161 26.54 10.27 -4.62
CA SER A 161 26.91 10.73 -5.99
C SER A 161 28.26 10.24 -6.52
N VAL A 162 29.18 9.84 -5.65
CA VAL A 162 30.48 9.33 -6.08
C VAL A 162 30.74 7.95 -5.48
N LYS A 163 31.52 7.12 -6.17
CA LYS A 163 31.86 5.79 -5.68
C LYS A 163 33.13 5.78 -4.83
N ASP A 164 34.03 6.72 -5.06
CA ASP A 164 35.28 6.82 -4.32
C ASP A 164 35.08 7.54 -2.95
N TYR A 165 36.16 7.63 -2.15
CA TYR A 165 36.06 8.26 -0.82
C TYR A 165 36.88 9.56 -0.71
N THR A 166 37.24 10.15 -1.84
CA THR A 166 38.02 11.38 -1.90
C THR A 166 37.24 12.55 -2.53
N SER A 167 36.52 12.29 -3.61
CA SER A 167 35.76 13.33 -4.31
C SER A 167 34.67 13.91 -3.41
N PRO A 168 34.29 15.19 -3.63
CA PRO A 168 33.16 15.74 -2.90
C PRO A 168 31.90 14.92 -3.20
N ARG A 169 31.16 14.55 -2.16
CA ARG A 169 30.00 13.70 -2.35
C ARG A 169 28.72 14.37 -1.90
N ILE A 170 27.62 13.96 -2.52
CA ILE A 170 26.32 14.39 -2.07
C ILE A 170 25.44 13.14 -1.89
N VAL A 171 24.71 13.12 -0.78
CA VAL A 171 23.79 12.03 -0.51
C VAL A 171 22.36 12.51 -0.76
N LYS A 172 21.53 11.69 -1.36
CA LYS A 172 20.14 12.01 -1.63
C LYS A 172 19.21 10.90 -1.15
N ILE A 173 17.99 11.26 -0.76
CA ILE A 173 17.01 10.27 -0.37
C ILE A 173 16.31 9.77 -1.63
N GLY A 174 16.30 8.45 -1.76
CA GLY A 174 15.68 7.74 -2.87
C GLY A 174 14.53 6.87 -2.39
N ASP A 175 14.25 5.77 -3.11
CA ASP A 175 13.18 4.79 -2.84
C ASP A 175 12.03 5.26 -1.93
N PHE A 176 10.98 5.80 -2.53
CA PHE A 176 9.82 6.28 -1.80
C PHE A 176 8.65 5.30 -1.92
N LEU A 196 8.21 -6.36 6.73
CA LEU A 196 8.28 -5.00 7.28
C LEU A 196 9.72 -4.59 7.71
N PRO A 197 10.10 -3.30 7.61
CA PRO A 197 11.43 -2.89 8.08
C PRO A 197 11.35 -2.51 9.55
N VAL A 198 11.01 -3.49 10.39
CA VAL A 198 10.80 -3.40 11.83
C VAL A 198 11.92 -2.68 12.57
N ARG A 199 13.20 -2.92 12.21
CA ARG A 199 14.34 -2.30 12.89
C ARG A 199 14.39 -0.78 12.77
N TRP A 200 13.71 -0.20 11.75
CA TRP A 200 13.66 1.24 11.53
C TRP A 200 12.36 1.88 11.99
N MET A 201 11.34 1.06 12.31
CA MET A 201 10.00 1.55 12.64
C MET A 201 9.79 2.00 14.05
N ALA A 202 9.01 3.07 14.20
CA ALA A 202 8.66 3.66 15.48
C ALA A 202 7.64 2.77 16.25
N PRO A 203 7.62 2.87 17.59
CA PRO A 203 6.66 2.07 18.37
C PRO A 203 5.20 2.16 17.89
N GLU A 204 4.66 3.37 17.62
CA GLU A 204 3.28 3.55 17.13
C GLU A 204 3.08 2.88 15.78
N SER A 205 4.10 2.86 14.92
CA SER A 205 4.00 2.21 13.62
C SER A 205 3.93 0.69 13.76
N LEU A 206 4.63 0.14 14.75
CA LEU A 206 4.63 -1.29 14.99
C LEU A 206 3.32 -1.73 15.69
N MET A 207 2.81 -0.93 16.64
CA MET A 207 1.59 -1.29 17.37
C MET A 207 0.29 -0.91 16.68
N ASP A 208 0.20 0.29 16.11
CA ASP A 208 -1.04 0.76 15.52
C ASP A 208 -1.00 1.07 14.03
N GLY A 209 0.13 0.82 13.38
CA GLY A 209 0.26 1.11 11.96
C GLY A 209 0.24 2.60 11.65
N ILE A 210 0.57 3.45 12.64
CA ILE A 210 0.58 4.91 12.48
C ILE A 210 1.91 5.39 11.87
N PHE A 211 1.86 6.03 10.70
CA PHE A 211 3.04 6.56 10.02
C PHE A 211 2.89 8.04 9.77
N THR A 212 3.62 8.87 10.53
CA THR A 212 3.61 10.33 10.42
C THR A 212 5.07 10.87 10.17
N THR A 213 5.26 12.18 10.07
CA THR A 213 6.59 12.79 10.02
C THR A 213 7.33 12.54 11.38
N GLN A 214 6.59 12.31 12.49
CA GLN A 214 7.17 12.01 13.79
C GLN A 214 7.75 10.57 13.82
N SER A 215 7.13 9.64 13.06
CA SER A 215 7.67 8.29 12.96
C SER A 215 8.90 8.30 12.03
N ASP A 216 8.94 9.19 11.01
CA ASP A 216 10.07 9.38 10.11
C ASP A 216 11.29 9.89 10.91
N VAL A 217 11.06 10.77 11.90
CA VAL A 217 12.10 11.29 12.78
C VAL A 217 12.73 10.11 13.55
N TRP A 218 11.91 9.11 13.96
CA TRP A 218 12.42 7.93 14.63
C TRP A 218 13.39 7.19 13.71
N SER A 219 12.95 6.92 12.46
CA SER A 219 13.75 6.23 11.45
C SER A 219 15.03 6.99 11.11
N PHE A 220 14.98 8.34 11.16
CA PHE A 220 16.14 9.19 10.91
C PHE A 220 17.20 8.98 11.99
N GLY A 221 16.76 8.75 13.24
CA GLY A 221 17.65 8.44 14.34
C GLY A 221 18.37 7.14 14.09
N ILE A 222 17.65 6.13 13.56
CA ILE A 222 18.21 4.84 13.18
C ILE A 222 19.18 5.00 12.03
N LEU A 223 18.85 5.86 11.05
CA LEU A 223 19.69 6.10 9.86
C LEU A 223 21.00 6.81 10.22
N ILE A 224 20.96 7.78 11.16
CA ILE A 224 22.19 8.42 11.60
C ILE A 224 23.04 7.44 12.46
N TRP A 225 22.39 6.49 13.15
CA TRP A 225 23.10 5.44 13.86
C TRP A 225 23.73 4.49 12.80
N GLU A 226 23.05 4.25 11.67
CA GLU A 226 23.61 3.49 10.56
C GLU A 226 24.89 4.20 10.04
N ILE A 227 24.83 5.52 9.81
CA ILE A 227 25.97 6.28 9.33
C ILE A 227 27.17 6.25 10.30
N LEU A 228 26.94 6.63 11.56
CA LEU A 228 27.99 6.69 12.57
C LEU A 228 28.62 5.31 12.87
N THR A 229 27.87 4.20 12.67
CA THR A 229 28.43 2.84 12.84
C THR A 229 29.00 2.28 11.52
N LEU A 230 28.92 3.05 10.42
CA LEU A 230 29.37 2.65 9.10
C LEU A 230 28.65 1.42 8.60
N GLY A 231 27.35 1.49 8.59
CA GLY A 231 26.51 0.45 8.04
C GLY A 231 26.40 -0.82 8.84
N HIS A 232 26.31 -0.71 10.17
CA HIS A 232 26.05 -1.89 11.01
C HIS A 232 24.50 -2.09 11.05
N GLN A 233 24.05 -3.34 11.22
CA GLN A 233 22.62 -3.63 11.30
C GLN A 233 22.09 -3.27 12.68
N PRO A 234 21.00 -2.50 12.76
CA PRO A 234 20.47 -2.13 14.08
C PRO A 234 20.00 -3.33 14.89
N TYR A 235 20.21 -3.31 16.22
CA TYR A 235 19.83 -4.40 17.14
C TYR A 235 20.40 -5.74 16.66
N PRO A 236 21.74 -5.87 16.53
CA PRO A 236 22.30 -7.11 15.97
C PRO A 236 22.00 -8.37 16.78
N ALA A 237 21.97 -8.26 18.10
CA ALA A 237 21.67 -9.42 18.95
C ALA A 237 20.18 -9.75 19.05
N HIS A 238 19.30 -8.96 18.40
CA HIS A 238 17.86 -9.22 18.44
C HIS A 238 17.34 -9.74 17.13
N SER A 239 16.28 -10.55 17.19
CA SER A 239 15.58 -11.02 16.00
C SER A 239 14.57 -9.92 15.59
N ASN A 240 13.93 -10.04 14.42
CA ASN A 240 12.93 -9.05 14.00
C ASN A 240 11.77 -9.00 14.98
N LEU A 241 11.31 -10.18 15.44
CA LEU A 241 10.17 -10.20 16.38
C LEU A 241 10.55 -9.75 17.78
N ASP A 242 11.79 -10.03 18.21
CA ASP A 242 12.22 -9.54 19.51
C ASP A 242 12.45 -8.03 19.49
N VAL A 243 12.81 -7.45 18.30
CA VAL A 243 12.94 -6.01 18.10
C VAL A 243 11.56 -5.39 18.32
N LEU A 244 10.50 -6.01 17.77
CA LEU A 244 9.11 -5.57 17.95
C LEU A 244 8.76 -5.35 19.43
N ASN A 245 9.18 -6.27 20.31
CA ASN A 245 8.91 -6.15 21.73
C ASN A 245 9.88 -5.24 22.44
N TYR A 246 11.20 -5.42 22.24
CA TYR A 246 12.27 -4.60 22.84
C TYR A 246 12.06 -3.09 22.66
N VAL A 247 11.55 -2.67 21.49
CA VAL A 247 11.31 -1.27 21.18
C VAL A 247 10.05 -0.74 21.89
N GLN A 248 9.00 -1.55 21.96
CA GLN A 248 7.77 -1.22 22.67
C GLN A 248 7.97 -1.17 24.22
N THR A 249 8.95 -1.93 24.69
CA THR A 249 9.27 -2.10 26.09
C THR A 249 10.23 -0.99 26.64
N GLY A 250 10.74 -0.12 25.78
CA GLY A 250 11.64 0.96 26.18
C GLY A 250 13.10 0.81 25.80
N GLY A 251 13.43 -0.30 25.16
CA GLY A 251 14.78 -0.60 24.71
C GLY A 251 15.17 0.17 23.46
N ARG A 252 16.39 0.69 23.45
CA ARG A 252 16.94 1.45 22.35
C ARG A 252 18.30 0.86 21.90
N LEU A 253 18.84 1.35 20.77
CA LEU A 253 20.13 0.94 20.23
C LEU A 253 21.29 1.28 21.19
N GLU A 254 22.44 0.62 20.99
CA GLU A 254 23.64 0.90 21.76
C GLU A 254 24.33 2.09 21.10
N PRO A 255 25.03 2.92 21.88
CA PRO A 255 25.74 4.05 21.29
C PRO A 255 26.86 3.57 20.40
N PRO A 256 27.03 4.19 19.22
CA PRO A 256 28.15 3.79 18.35
C PRO A 256 29.52 3.99 19.05
N ARG A 257 30.53 3.17 18.71
CA ARG A 257 31.85 3.28 19.32
C ARG A 257 32.46 4.66 19.04
N ASN A 258 32.92 5.32 20.13
CA ASN A 258 33.53 6.66 20.12
C ASN A 258 32.64 7.79 19.60
N CYS A 259 31.33 7.53 19.47
CA CYS A 259 30.34 8.49 18.98
C CYS A 259 30.35 9.75 19.82
N PRO A 260 30.45 10.92 19.17
CA PRO A 260 30.38 12.20 19.93
C PRO A 260 29.08 12.28 20.72
N ASP A 261 29.15 12.71 21.99
CA ASP A 261 27.96 12.75 22.83
C ASP A 261 26.85 13.63 22.25
N ASP A 262 27.15 14.73 21.55
CA ASP A 262 26.10 15.55 20.94
C ASP A 262 25.29 14.78 19.89
N LEU A 263 25.94 13.86 19.16
CA LEU A 263 25.25 13.06 18.18
C LEU A 263 24.43 11.96 18.85
N TRP A 264 24.97 11.35 19.92
CA TRP A 264 24.23 10.34 20.67
C TRP A 264 23.03 10.95 21.42
N ASN A 265 23.17 12.18 21.89
CA ASN A 265 22.07 12.87 22.56
C ASN A 265 20.96 13.15 21.55
N LEU A 266 21.32 13.61 20.35
CA LEU A 266 20.39 13.87 19.28
C LEU A 266 19.67 12.58 18.89
N MET A 267 20.39 11.48 18.75
CA MET A 267 19.81 10.18 18.41
C MET A 267 18.78 9.74 19.44
N THR A 268 19.07 9.87 20.76
CA THR A 268 18.12 9.45 21.79
C THR A 268 16.87 10.34 21.84
N GLN A 269 16.97 11.60 21.41
CA GLN A 269 15.82 12.49 21.32
C GLN A 269 14.89 11.99 20.22
N CYS A 270 15.48 11.58 19.07
CA CYS A 270 14.72 11.01 17.95
C CYS A 270 13.95 9.79 18.37
N TRP A 271 14.45 9.03 19.36
CA TRP A 271 13.78 7.82 19.80
C TRP A 271 12.89 7.97 21.06
N ALA A 272 12.30 9.16 21.30
CA ALA A 272 11.38 9.35 22.43
C ALA A 272 10.16 8.43 22.22
N GLN A 273 9.72 7.71 23.27
CA GLN A 273 8.58 6.78 23.14
C GLN A 273 7.31 7.45 22.56
N GLU A 274 7.04 8.70 22.94
CA GLU A 274 5.89 9.46 22.46
C GLU A 274 6.28 10.35 21.28
N PRO A 275 5.57 10.23 20.16
CA PRO A 275 5.94 11.00 18.95
C PRO A 275 6.01 12.51 19.11
N ASP A 276 5.20 13.05 20.00
CA ASP A 276 5.12 14.49 20.31
C ASP A 276 6.39 15.01 21.00
N GLN A 277 7.10 14.15 21.73
CA GLN A 277 8.34 14.55 22.42
C GLN A 277 9.59 14.49 21.53
N ARG A 278 9.48 13.90 20.34
CA ARG A 278 10.58 13.84 19.38
C ARG A 278 10.78 15.21 18.73
N PRO A 279 12.03 15.60 18.41
CA PRO A 279 12.23 16.90 17.76
C PRO A 279 11.75 16.93 16.31
N THR A 280 11.53 18.13 15.78
CA THR A 280 11.14 18.29 14.38
C THR A 280 12.39 18.10 13.52
N PHE A 281 12.21 17.85 12.22
CA PHE A 281 13.35 17.74 11.31
C PHE A 281 14.10 19.08 11.22
N HIS A 282 13.38 20.24 11.31
CA HIS A 282 14.06 21.53 11.28
C HIS A 282 14.97 21.73 12.50
N ARG A 283 14.52 21.22 13.67
CA ARG A 283 15.33 21.29 14.89
C ARG A 283 16.51 20.35 14.71
N ILE A 284 16.30 19.12 14.23
CA ILE A 284 17.39 18.15 13.97
C ILE A 284 18.48 18.76 13.05
N GLN A 285 18.10 19.46 11.97
CA GLN A 285 19.08 20.08 11.10
C GLN A 285 19.86 21.15 11.84
N ASP A 286 19.19 21.94 12.68
CA ASP A 286 19.85 22.97 13.48
C ASP A 286 20.86 22.33 14.43
N GLN A 287 20.46 21.25 15.11
CA GLN A 287 21.32 20.52 16.03
C GLN A 287 22.56 19.97 15.33
N LEU A 288 22.38 19.37 14.14
CA LEU A 288 23.50 18.82 13.38
C LEU A 288 24.43 19.92 12.92
N GLN A 289 23.86 21.05 12.49
CA GLN A 289 24.57 22.21 12.00
C GLN A 289 25.40 22.82 13.11
N LEU A 290 24.83 22.91 14.33
CA LEU A 290 25.52 23.46 15.50
C LEU A 290 26.71 22.56 15.82
N PHE A 291 26.49 21.23 15.93
CA PHE A 291 27.56 20.28 16.20
C PHE A 291 28.68 20.37 15.15
N ARG A 292 28.32 20.48 13.87
CA ARG A 292 29.34 20.55 12.83
C ARG A 292 30.18 21.82 12.96
N ASN A 293 29.57 22.95 13.32
CA ASN A 293 30.27 24.21 13.50
C ASN A 293 31.16 24.18 14.73
N PHE A 294 30.61 23.68 15.85
CA PHE A 294 31.30 23.51 17.13
C PHE A 294 32.52 22.62 16.94
N PHE A 295 32.35 21.47 16.30
CA PHE A 295 33.42 20.51 16.08
C PHE A 295 34.51 21.10 15.18
N LEU A 296 34.12 21.81 14.11
CA LEU A 296 35.10 22.39 13.20
C LEU A 296 35.94 23.48 13.87
N ASN A 297 35.38 24.17 14.87
CA ASN A 297 36.11 25.19 15.62
C ASN A 297 37.16 24.60 16.58
N SER A 298 37.00 23.33 16.98
CA SER A 298 37.94 22.64 17.84
C SER A 298 39.15 22.23 16.99
N LEU B 10 -11.32 8.40 -17.00
CA LEU B 10 -11.87 9.01 -15.79
C LEU B 10 -13.13 9.79 -16.13
N PRO B 11 -14.26 9.46 -15.47
CA PRO B 11 -15.52 10.13 -15.84
C PRO B 11 -15.74 11.45 -15.12
N ALA B 12 -15.03 12.51 -15.54
CA ALA B 12 -15.20 13.85 -14.96
C ALA B 12 -16.69 14.28 -14.89
N PHE B 13 -17.12 14.77 -13.72
CA PHE B 13 -18.52 15.12 -13.52
C PHE B 13 -18.65 16.50 -12.85
N PRO B 14 -19.57 17.36 -13.30
CA PRO B 14 -19.70 18.69 -12.69
C PRO B 14 -20.25 18.63 -11.28
N ARG B 15 -19.50 19.15 -10.30
CA ARG B 15 -19.96 19.13 -8.91
C ARG B 15 -21.25 19.93 -8.68
N GLU B 16 -21.59 20.85 -9.60
CA GLU B 16 -22.84 21.60 -9.54
C GLU B 16 -24.06 20.67 -9.69
N LYS B 17 -23.89 19.51 -10.39
CA LYS B 17 -24.95 18.51 -10.54
C LYS B 17 -24.93 17.44 -9.43
N LEU B 18 -24.16 17.65 -8.36
CA LEU B 18 -24.05 16.73 -7.25
C LEU B 18 -24.55 17.40 -5.96
N THR B 19 -25.25 16.65 -5.11
CA THR B 19 -25.73 17.15 -3.84
C THR B 19 -25.35 16.16 -2.75
N LEU B 20 -24.69 16.61 -1.70
CA LEU B 20 -24.32 15.74 -0.58
C LEU B 20 -25.46 15.83 0.44
N ARG B 21 -26.25 14.77 0.57
CA ARG B 21 -27.42 14.78 1.43
C ARG B 21 -27.17 14.39 2.87
N LEU B 22 -26.36 13.35 3.13
CA LEU B 22 -26.13 12.92 4.51
C LEU B 22 -24.86 12.09 4.68
N LEU B 23 -24.25 12.16 5.85
CA LEU B 23 -23.03 11.41 6.15
C LEU B 23 -23.30 9.92 6.37
N LEU B 24 -22.56 9.05 5.68
CA LEU B 24 -22.69 7.59 5.79
C LEU B 24 -21.61 7.01 6.73
N GLY B 25 -20.40 7.56 6.66
CA GLY B 25 -19.28 7.12 7.48
C GLY B 25 -17.98 7.75 7.05
N SER B 26 -16.85 7.04 7.25
CA SER B 26 -15.53 7.55 6.83
C SER B 26 -14.65 6.46 6.13
N GLY B 27 -13.55 6.87 5.47
CA GLY B 27 -12.69 5.92 4.78
C GLY B 27 -11.23 6.30 4.54
N ALA B 28 -10.49 6.74 5.60
CA ALA B 28 -9.05 7.11 5.60
C ALA B 28 -8.69 8.36 4.76
N PHE B 29 -9.51 8.71 3.76
CA PHE B 29 -9.29 9.89 2.91
C PHE B 29 -10.09 11.10 3.42
N GLY B 30 -11.29 10.82 3.89
CA GLY B 30 -12.21 11.82 4.41
C GLY B 30 -13.53 11.19 4.81
N GLU B 31 -14.61 11.81 4.37
CA GLU B 31 -15.94 11.34 4.71
C GLU B 31 -16.64 10.74 3.53
N VAL B 32 -17.59 9.87 3.79
CA VAL B 32 -18.38 9.25 2.75
C VAL B 32 -19.82 9.71 2.96
N TYR B 33 -20.42 10.31 1.93
CA TYR B 33 -21.80 10.79 1.98
C TYR B 33 -22.76 9.99 1.08
N GLU B 34 -24.04 10.10 1.33
CA GLU B 34 -25.09 9.62 0.46
C GLU B 34 -25.51 10.92 -0.24
N GLY B 35 -25.65 10.89 -1.55
CA GLY B 35 -26.01 12.07 -2.30
C GLY B 35 -26.93 11.81 -3.46
N THR B 36 -27.04 12.82 -4.33
CA THR B 36 -27.86 12.75 -5.54
C THR B 36 -27.05 13.30 -6.69
N ALA B 37 -27.01 12.58 -7.82
CA ALA B 37 -26.29 13.05 -9.00
C ALA B 37 -27.29 13.13 -10.14
N VAL B 38 -27.38 14.30 -10.77
CA VAL B 38 -28.35 14.46 -11.85
C VAL B 38 -27.66 14.24 -13.17
N ASP B 39 -28.24 13.33 -13.97
CA ASP B 39 -27.79 12.97 -15.31
C ASP B 39 -26.43 12.33 -15.35
N ILE B 40 -26.01 11.67 -14.25
CA ILE B 40 -24.69 11.05 -14.24
C ILE B 40 -24.58 9.85 -15.23
N LEU B 41 -25.71 9.22 -15.54
CA LEU B 41 -25.74 8.11 -16.50
C LEU B 41 -25.88 8.59 -17.99
N GLY B 42 -26.35 9.82 -18.17
CA GLY B 42 -26.60 10.46 -19.46
C GLY B 42 -27.65 11.55 -19.33
N VAL B 43 -27.87 12.35 -20.37
CA VAL B 43 -28.82 13.47 -20.36
C VAL B 43 -30.28 13.09 -19.96
N GLY B 44 -30.76 11.92 -20.35
CA GLY B 44 -32.10 11.48 -19.98
C GLY B 44 -32.23 11.08 -18.52
N SER B 45 -31.18 10.38 -18.01
CA SER B 45 -30.99 9.80 -16.68
C SER B 45 -31.95 10.28 -15.56
N GLY B 46 -31.92 11.57 -15.25
CA GLY B 46 -32.68 12.14 -14.15
C GLY B 46 -31.85 12.14 -12.87
N GLU B 47 -32.50 12.30 -11.71
CA GLU B 47 -31.82 12.30 -10.43
C GLU B 47 -31.62 10.89 -9.94
N ILE B 48 -30.37 10.46 -9.71
CA ILE B 48 -30.11 9.12 -9.21
C ILE B 48 -29.35 9.18 -7.88
N LYS B 49 -29.74 8.35 -6.91
CA LYS B 49 -29.08 8.29 -5.62
C LYS B 49 -27.67 7.73 -5.77
N VAL B 50 -26.68 8.40 -5.17
CA VAL B 50 -25.28 7.99 -5.25
C VAL B 50 -24.62 7.96 -3.86
N ALA B 51 -23.40 7.41 -3.75
CA ALA B 51 -22.56 7.46 -2.55
C ALA B 51 -21.32 8.25 -2.96
N VAL B 52 -20.95 9.27 -2.20
CA VAL B 52 -19.79 10.08 -2.54
C VAL B 52 -18.63 9.91 -1.57
N LYS B 53 -17.51 9.43 -2.08
CA LYS B 53 -16.29 9.31 -1.30
C LYS B 53 -15.55 10.67 -1.47
N THR B 54 -15.17 11.33 -0.37
CA THR B 54 -14.52 12.65 -0.44
C THR B 54 -13.07 12.62 0.01
N LEU B 55 -12.28 13.58 -0.45
CA LEU B 55 -10.92 13.76 0.03
C LEU B 55 -10.96 15.12 0.73
N LYS B 56 -10.85 15.12 2.06
CA LYS B 56 -10.92 16.31 2.92
C LYS B 56 -10.11 17.49 2.36
N LYS B 57 -10.70 18.70 2.33
CA LYS B 57 -10.01 19.92 1.88
C LYS B 57 -8.78 20.14 2.77
N GLY B 58 -7.65 20.47 2.15
CA GLY B 58 -6.38 20.63 2.84
C GLY B 58 -5.54 19.36 2.85
N SER B 59 -5.91 18.38 2.01
CA SER B 59 -5.17 17.13 1.92
C SER B 59 -3.81 17.36 1.27
N THR B 60 -2.83 16.59 1.68
CA THR B 60 -1.47 16.70 1.16
C THR B 60 -1.41 16.12 -0.27
N ASP B 61 -0.34 16.42 -1.02
CA ASP B 61 -0.15 15.92 -2.38
C ASP B 61 -0.09 14.39 -2.42
N GLN B 62 0.51 13.80 -1.39
CA GLN B 62 0.61 12.37 -1.19
C GLN B 62 -0.80 11.73 -1.04
N GLU B 63 -1.75 12.44 -0.36
CA GLU B 63 -3.12 11.95 -0.19
C GLU B 63 -3.92 12.13 -1.48
N LYS B 64 -3.69 13.22 -2.22
CA LYS B 64 -4.36 13.44 -3.50
C LYS B 64 -3.92 12.38 -4.51
N ILE B 65 -2.63 12.02 -4.52
CA ILE B 65 -2.13 11.02 -5.46
C ILE B 65 -2.75 9.66 -5.18
N GLU B 66 -2.89 9.28 -3.89
CA GLU B 66 -3.51 8.02 -3.47
C GLU B 66 -5.01 8.00 -3.81
N PHE B 67 -5.68 9.15 -3.73
CA PHE B 67 -7.09 9.27 -4.08
C PHE B 67 -7.24 9.14 -5.61
N LEU B 68 -6.31 9.70 -6.37
CA LEU B 68 -6.34 9.62 -7.82
C LEU B 68 -6.13 8.17 -8.26
N LYS B 69 -5.22 7.43 -7.57
CA LYS B 69 -4.96 6.01 -7.83
C LYS B 69 -6.22 5.16 -7.62
N GLU B 70 -7.02 5.48 -6.59
CA GLU B 70 -8.25 4.76 -6.29
C GLU B 70 -9.26 5.00 -7.41
N ALA B 71 -9.36 6.26 -7.91
CA ALA B 71 -10.25 6.59 -9.02
C ALA B 71 -9.80 5.88 -10.27
N HIS B 72 -8.48 5.75 -10.49
CA HIS B 72 -7.97 5.03 -11.64
C HIS B 72 -8.33 3.58 -11.58
N LEU B 73 -8.14 2.92 -10.44
CA LEU B 73 -8.50 1.53 -10.21
C LEU B 73 -9.99 1.26 -10.51
N MET B 74 -10.89 2.06 -9.95
CA MET B 74 -12.33 1.92 -10.13
C MET B 74 -12.78 2.19 -11.57
N SER B 75 -12.11 3.09 -12.30
CA SER B 75 -12.49 3.40 -13.66
C SER B 75 -12.39 2.19 -14.62
N LYS B 76 -11.77 1.11 -14.18
CA LYS B 76 -11.59 -0.09 -14.99
C LYS B 76 -12.71 -1.11 -14.88
N PHE B 77 -13.61 -0.95 -13.90
CA PHE B 77 -14.66 -1.92 -13.67
C PHE B 77 -16.02 -1.55 -14.25
N ASN B 78 -16.58 -2.49 -15.01
CA ASN B 78 -17.92 -2.44 -15.56
C ASN B 78 -18.50 -3.83 -15.49
N HIS B 79 -19.10 -4.20 -14.37
CA HIS B 79 -19.70 -5.51 -14.20
C HIS B 79 -20.88 -5.40 -13.19
N PRO B 80 -22.00 -6.13 -13.42
CA PRO B 80 -23.14 -6.05 -12.48
C PRO B 80 -22.82 -6.44 -11.04
N ASN B 81 -21.74 -7.19 -10.84
CA ASN B 81 -21.37 -7.60 -9.47
C ASN B 81 -20.16 -6.88 -8.93
N ILE B 82 -19.80 -5.72 -9.54
CA ILE B 82 -18.71 -4.87 -9.11
C ILE B 82 -19.26 -3.48 -8.91
N LEU B 83 -18.95 -2.84 -7.77
CA LEU B 83 -19.40 -1.48 -7.49
C LEU B 83 -18.85 -0.54 -8.55
N LYS B 84 -19.71 0.29 -9.12
CA LYS B 84 -19.33 1.15 -10.23
C LYS B 84 -19.08 2.59 -9.86
N GLN B 85 -18.00 3.15 -10.38
CA GLN B 85 -17.67 4.55 -10.18
C GLN B 85 -18.38 5.30 -11.34
N LEU B 86 -19.34 6.14 -10.99
CA LEU B 86 -20.16 6.86 -11.96
C LEU B 86 -19.51 8.15 -12.45
N GLY B 87 -18.76 8.79 -11.57
CA GLY B 87 -18.07 10.03 -11.90
C GLY B 87 -17.02 10.41 -10.89
N VAL B 88 -16.23 11.42 -11.22
CA VAL B 88 -15.20 11.96 -10.32
C VAL B 88 -15.26 13.49 -10.39
N CYS B 89 -14.93 14.19 -9.31
CA CYS B 89 -14.85 15.64 -9.26
C CYS B 89 -13.48 15.91 -8.65
N LEU B 90 -12.43 15.89 -9.46
CA LEU B 90 -11.06 15.98 -8.96
C LEU B 90 -10.32 17.29 -9.21
N LEU B 91 -10.96 18.25 -9.91
CA LEU B 91 -10.31 19.50 -10.25
C LEU B 91 -10.17 20.48 -9.08
N ASN B 92 -11.07 20.36 -8.09
CA ASN B 92 -11.10 21.25 -6.93
C ASN B 92 -11.28 20.49 -5.60
N GLU B 93 -11.07 21.17 -4.47
CA GLU B 93 -11.20 20.57 -3.16
C GLU B 93 -12.54 20.96 -2.53
N PRO B 94 -13.19 20.04 -1.80
CA PRO B 94 -12.80 18.65 -1.58
C PRO B 94 -13.07 17.83 -2.85
N GLN B 95 -12.15 16.90 -3.14
CA GLN B 95 -12.31 16.04 -4.32
C GLN B 95 -13.34 14.95 -4.03
N TYR B 96 -14.03 14.48 -5.09
CA TYR B 96 -15.08 13.46 -4.96
C TYR B 96 -14.89 12.28 -5.92
N ILE B 97 -15.30 11.08 -5.46
CA ILE B 97 -15.39 9.82 -6.21
C ILE B 97 -16.87 9.46 -6.00
N ILE B 98 -17.66 9.52 -7.08
CA ILE B 98 -19.08 9.24 -7.01
C ILE B 98 -19.31 7.80 -7.40
N LEU B 99 -19.96 7.06 -6.52
CA LEU B 99 -20.25 5.64 -6.67
C LEU B 99 -21.76 5.39 -6.69
N GLU B 100 -22.18 4.23 -7.22
CA GLU B 100 -23.60 3.89 -7.15
C GLU B 100 -23.98 3.60 -5.69
N LEU B 101 -25.18 4.02 -5.30
CA LEU B 101 -25.60 3.80 -3.94
C LEU B 101 -26.19 2.39 -3.77
N MET B 102 -25.68 1.61 -2.82
CA MET B 102 -26.21 0.29 -2.54
C MET B 102 -26.99 0.46 -1.23
N GLU B 103 -28.31 0.61 -1.35
CA GLU B 103 -29.22 0.94 -0.27
C GLU B 103 -29.26 -0.07 0.86
N GLY B 104 -28.83 -1.30 0.62
CA GLY B 104 -28.78 -2.31 1.65
C GLY B 104 -27.56 -2.23 2.55
N GLY B 105 -26.54 -1.45 2.14
CA GLY B 105 -25.31 -1.35 2.91
C GLY B 105 -24.46 -2.60 2.76
N ASP B 106 -23.49 -2.80 3.67
CA ASP B 106 -22.57 -3.90 3.58
C ASP B 106 -23.22 -5.27 3.83
N LEU B 107 -22.67 -6.30 3.22
CA LEU B 107 -23.18 -7.65 3.28
C LEU B 107 -23.06 -8.26 4.68
N LEU B 108 -22.03 -7.92 5.45
CA LEU B 108 -21.89 -8.48 6.79
C LEU B 108 -23.05 -8.05 7.69
N THR B 109 -23.39 -6.76 7.66
CA THR B 109 -24.51 -6.25 8.44
C THR B 109 -25.83 -6.82 7.95
N TYR B 110 -25.98 -6.95 6.62
CA TYR B 110 -27.16 -7.51 6.01
C TYR B 110 -27.39 -8.96 6.45
N LEU B 111 -26.34 -9.79 6.42
CA LEU B 111 -26.37 -11.18 6.84
C LEU B 111 -26.67 -11.27 8.35
N ARG B 112 -25.96 -10.48 9.17
CA ARG B 112 -26.16 -10.50 10.63
C ARG B 112 -27.57 -10.14 11.07
N LYS B 113 -28.18 -9.12 10.42
CA LYS B 113 -29.54 -8.69 10.77
C LYS B 113 -30.53 -9.79 10.40
N ALA B 114 -30.33 -10.46 9.25
CA ALA B 114 -31.19 -11.57 8.85
C ALA B 114 -31.22 -12.68 9.90
N ARG B 115 -30.08 -12.98 10.52
CA ARG B 115 -29.98 -14.03 11.51
C ARG B 115 -30.59 -13.63 12.85
N MET B 116 -30.39 -12.38 13.29
CA MET B 116 -30.79 -11.92 14.61
C MET B 116 -32.15 -11.27 14.75
N ALA B 117 -32.92 -11.14 13.68
CA ALA B 117 -34.22 -10.47 13.75
C ALA B 117 -35.25 -11.23 14.62
N THR B 118 -35.32 -12.56 14.49
CA THR B 118 -36.25 -13.40 15.26
C THR B 118 -35.69 -14.83 15.42
N PHE B 119 -36.11 -15.55 16.49
CA PHE B 119 -35.67 -16.95 16.66
C PHE B 119 -36.55 -17.93 15.84
N TYR B 120 -37.65 -17.44 15.22
CA TYR B 120 -38.47 -18.26 14.32
C TYR B 120 -37.63 -18.75 13.11
N GLY B 121 -36.64 -17.96 12.71
CA GLY B 121 -35.73 -18.32 11.64
C GLY B 121 -35.06 -17.14 11.00
N PRO B 122 -34.05 -17.42 10.18
CA PRO B 122 -33.36 -16.34 9.49
C PRO B 122 -34.24 -15.69 8.44
N LEU B 123 -34.01 -14.41 8.19
CA LEU B 123 -34.74 -13.67 7.17
C LEU B 123 -34.24 -13.96 5.73
N LEU B 124 -33.27 -14.87 5.58
CA LEU B 124 -32.71 -15.33 4.33
C LEU B 124 -32.77 -16.85 4.34
N THR B 125 -33.04 -17.42 3.18
CA THR B 125 -33.10 -18.87 3.03
C THR B 125 -31.83 -19.38 2.29
N LEU B 126 -31.69 -20.72 2.13
CA LEU B 126 -30.57 -21.29 1.40
C LEU B 126 -30.52 -20.79 -0.04
N VAL B 127 -31.67 -20.66 -0.72
CA VAL B 127 -31.65 -20.22 -2.12
C VAL B 127 -31.21 -18.72 -2.18
N ASP B 128 -31.55 -17.89 -1.16
CA ASP B 128 -31.08 -16.50 -1.13
C ASP B 128 -29.56 -16.47 -0.97
N LEU B 129 -29.04 -17.32 -0.06
CA LEU B 129 -27.63 -17.39 0.21
C LEU B 129 -26.83 -17.97 -0.95
N VAL B 130 -27.41 -18.90 -1.72
CA VAL B 130 -26.74 -19.47 -2.88
C VAL B 130 -26.66 -18.42 -3.98
N ASP B 131 -27.73 -17.63 -4.15
CA ASP B 131 -27.74 -16.54 -5.12
C ASP B 131 -26.66 -15.48 -4.77
N LEU B 132 -26.40 -15.24 -3.47
CA LEU B 132 -25.39 -14.27 -3.02
C LEU B 132 -24.02 -14.80 -3.43
N CYS B 133 -23.75 -16.10 -3.17
CA CYS B 133 -22.49 -16.76 -3.53
C CYS B 133 -22.26 -16.66 -5.04
N VAL B 134 -23.30 -16.99 -5.83
CA VAL B 134 -23.24 -16.94 -7.29
C VAL B 134 -22.90 -15.54 -7.78
N ASP B 135 -23.61 -14.54 -7.25
CA ASP B 135 -23.36 -13.17 -7.66
C ASP B 135 -21.93 -12.69 -7.34
N ILE B 136 -21.37 -13.04 -6.15
CA ILE B 136 -20.02 -12.63 -5.82
C ILE B 136 -19.03 -13.37 -6.72
N SER B 137 -19.29 -14.67 -6.99
CA SER B 137 -18.40 -15.44 -7.87
C SER B 137 -18.41 -14.90 -9.31
N LYS B 138 -19.52 -14.33 -9.79
CA LYS B 138 -19.52 -13.68 -11.12
C LYS B 138 -18.55 -12.46 -11.14
N GLY B 139 -18.51 -11.72 -10.03
CA GLY B 139 -17.63 -10.57 -9.88
C GLY B 139 -16.17 -11.00 -9.80
N CYS B 140 -15.91 -12.12 -9.13
CA CYS B 140 -14.57 -12.69 -9.03
C CYS B 140 -14.05 -13.22 -10.37
N VAL B 141 -14.91 -13.86 -11.18
CA VAL B 141 -14.63 -14.34 -12.54
C VAL B 141 -14.24 -13.13 -13.42
N TYR B 142 -14.94 -12.01 -13.23
CA TYR B 142 -14.63 -10.80 -13.97
C TYR B 142 -13.23 -10.28 -13.57
N LEU B 143 -12.93 -10.23 -12.26
CA LEU B 143 -11.66 -9.79 -11.72
C LEU B 143 -10.53 -10.68 -12.16
N GLU B 144 -10.75 -11.98 -12.21
CA GLU B 144 -9.72 -12.93 -12.67
C GLU B 144 -9.45 -12.71 -14.17
N ARG B 145 -10.50 -12.41 -14.96
CA ARG B 145 -10.32 -12.10 -16.39
C ARG B 145 -9.59 -10.78 -16.61
N MET B 146 -9.80 -9.82 -15.70
CA MET B 146 -9.13 -8.53 -15.75
C MET B 146 -7.72 -8.55 -15.11
N HIS B 147 -7.31 -9.68 -14.50
CA HIS B 147 -6.04 -9.83 -13.79
C HIS B 147 -5.90 -8.86 -12.62
N PHE B 148 -7.02 -8.64 -11.93
CA PHE B 148 -7.05 -7.80 -10.75
C PHE B 148 -7.05 -8.68 -9.50
N ILE B 149 -6.03 -8.53 -8.65
CA ILE B 149 -5.92 -9.24 -7.39
C ILE B 149 -6.58 -8.36 -6.31
N HIS B 150 -7.66 -8.83 -5.69
CA HIS B 150 -8.43 -8.05 -4.72
C HIS B 150 -7.71 -7.87 -3.38
N ARG B 151 -7.15 -8.95 -2.81
CA ARG B 151 -6.43 -8.93 -1.54
C ARG B 151 -7.30 -8.81 -0.28
N ASP B 152 -8.59 -8.44 -0.42
CA ASP B 152 -9.45 -8.29 0.77
C ASP B 152 -10.91 -8.73 0.55
N LEU B 153 -11.13 -9.93 -0.03
CA LEU B 153 -12.49 -10.41 -0.21
C LEU B 153 -13.02 -10.81 1.16
N ALA B 154 -14.15 -10.24 1.55
CA ALA B 154 -14.79 -10.48 2.85
C ALA B 154 -16.18 -9.84 2.77
N ALA B 155 -17.14 -10.32 3.55
CA ALA B 155 -18.51 -9.81 3.49
C ALA B 155 -18.61 -8.29 3.81
N ARG B 156 -17.77 -7.79 4.73
CA ARG B 156 -17.76 -6.36 5.05
C ARG B 156 -17.38 -5.49 3.83
N ASN B 157 -16.79 -6.09 2.77
CA ASN B 157 -16.41 -5.38 1.54
C ASN B 157 -17.38 -5.57 0.39
N CYS B 158 -18.54 -6.18 0.65
CA CYS B 158 -19.56 -6.41 -0.36
C CYS B 158 -20.75 -5.57 0.05
N LEU B 159 -21.54 -5.14 -0.92
CA LEU B 159 -22.70 -4.30 -0.67
C LEU B 159 -23.95 -4.95 -1.28
N VAL B 160 -25.12 -4.69 -0.67
CA VAL B 160 -26.41 -5.24 -1.08
C VAL B 160 -27.30 -4.11 -1.59
N SER B 161 -28.08 -4.33 -2.67
CA SER B 161 -28.90 -3.27 -3.27
C SER B 161 -30.18 -2.92 -2.54
N VAL B 162 -30.64 -3.78 -1.65
CA VAL B 162 -31.89 -3.54 -0.93
C VAL B 162 -31.68 -3.77 0.56
N LYS B 163 -32.40 -3.01 1.39
CA LYS B 163 -32.29 -3.16 2.83
C LYS B 163 -33.25 -4.22 3.40
N ASP B 164 -34.34 -4.51 2.69
CA ASP B 164 -35.32 -5.48 3.14
C ASP B 164 -34.95 -6.93 2.72
N TYR B 165 -35.71 -7.93 3.21
CA TYR B 165 -35.39 -9.32 2.90
C TYR B 165 -36.42 -9.97 1.95
N THR B 166 -37.22 -9.15 1.26
CA THR B 166 -38.25 -9.62 0.34
C THR B 166 -37.97 -9.19 -1.10
N SER B 167 -37.55 -7.96 -1.32
CA SER B 167 -37.27 -7.44 -2.65
C SER B 167 -36.15 -8.21 -3.33
N PRO B 168 -36.16 -8.30 -4.68
CA PRO B 168 -35.03 -8.90 -5.38
C PRO B 168 -33.76 -8.11 -5.06
N ARG B 169 -32.68 -8.82 -4.73
CA ARG B 169 -31.45 -8.13 -4.34
C ARG B 169 -30.29 -8.46 -5.27
N ILE B 170 -29.33 -7.56 -5.33
CA ILE B 170 -28.08 -7.81 -6.02
C ILE B 170 -26.93 -7.47 -5.05
N VAL B 171 -25.96 -8.35 -5.01
CA VAL B 171 -24.77 -8.15 -4.21
C VAL B 171 -23.64 -7.72 -5.18
N LYS B 172 -22.79 -6.79 -4.76
CA LYS B 172 -21.66 -6.26 -5.52
C LYS B 172 -20.41 -6.15 -4.64
N ILE B 173 -19.25 -6.38 -5.23
CA ILE B 173 -17.99 -6.28 -4.52
C ILE B 173 -17.62 -4.82 -4.50
N GLY B 174 -17.49 -4.28 -3.30
CA GLY B 174 -17.06 -2.91 -3.07
C GLY B 174 -15.62 -2.89 -2.57
N ASP B 175 -15.24 -1.84 -1.86
CA ASP B 175 -13.89 -1.63 -1.26
C ASP B 175 -12.72 -2.40 -1.93
N PHE B 176 -11.83 -1.67 -2.58
CA PHE B 176 -10.68 -2.27 -3.23
C PHE B 176 -9.36 -1.67 -2.73
N LEU B 196 -3.08 -7.84 7.94
CA LEU B 196 -4.11 -7.41 8.89
C LEU B 196 -5.40 -8.28 8.92
N PRO B 197 -6.13 -8.58 7.81
CA PRO B 197 -7.35 -9.41 7.93
C PRO B 197 -6.99 -10.88 7.88
N VAL B 198 -6.22 -11.31 8.89
CA VAL B 198 -5.67 -12.65 9.05
C VAL B 198 -6.71 -13.77 8.87
N ARG B 199 -7.94 -13.61 9.39
CA ARG B 199 -8.96 -14.65 9.29
C ARG B 199 -9.41 -14.99 7.86
N TRP B 200 -9.17 -14.06 6.91
CA TRP B 200 -9.51 -14.24 5.50
C TRP B 200 -8.31 -14.60 4.62
N MET B 201 -7.08 -14.47 5.15
CA MET B 201 -5.86 -14.67 4.40
C MET B 201 -5.40 -16.09 4.26
N ALA B 202 -4.87 -16.39 3.08
CA ALA B 202 -4.35 -17.69 2.70
C ALA B 202 -3.00 -17.96 3.41
N PRO B 203 -2.65 -19.24 3.59
CA PRO B 203 -1.36 -19.57 4.24
C PRO B 203 -0.13 -18.83 3.64
N GLU B 204 0.02 -18.80 2.29
CA GLU B 204 1.14 -18.11 1.63
C GLU B 204 1.14 -16.61 1.92
N SER B 205 -0.04 -16.01 2.02
CA SER B 205 -0.15 -14.58 2.33
C SER B 205 0.30 -14.29 3.76
N LEU B 206 0.04 -15.21 4.68
CA LEU B 206 0.43 -15.05 6.08
C LEU B 206 1.94 -15.34 6.27
N MET B 207 2.47 -16.36 5.58
CA MET B 207 3.88 -16.71 5.74
C MET B 207 4.84 -15.91 4.85
N ASP B 208 4.50 -15.66 3.59
CA ASP B 208 5.40 -14.98 2.68
C ASP B 208 4.92 -13.67 2.09
N GLY B 209 3.74 -13.21 2.50
CA GLY B 209 3.17 -11.97 1.96
C GLY B 209 2.78 -12.08 0.50
N ILE B 210 2.53 -13.30 0.00
CA ILE B 210 2.16 -13.55 -1.39
C ILE B 210 0.65 -13.38 -1.61
N PHE B 211 0.26 -12.44 -2.48
CA PHE B 211 -1.16 -12.18 -2.78
C PHE B 211 -1.41 -12.35 -4.26
N THR B 212 -2.10 -13.43 -4.65
CA THR B 212 -2.45 -13.72 -6.04
C THR B 212 -4.01 -13.92 -6.18
N THR B 213 -4.51 -14.24 -7.38
CA THR B 213 -5.91 -14.62 -7.59
C THR B 213 -6.19 -15.98 -6.83
N GLN B 214 -5.14 -16.80 -6.59
CA GLN B 214 -5.25 -18.06 -5.87
C GLN B 214 -5.48 -17.81 -4.37
N SER B 215 -4.89 -16.72 -3.82
CA SER B 215 -5.13 -16.35 -2.43
C SER B 215 -6.53 -15.73 -2.31
N ASP B 216 -7.03 -15.02 -3.35
CA ASP B 216 -8.39 -14.46 -3.40
C ASP B 216 -9.43 -15.60 -3.36
N VAL B 217 -9.14 -16.72 -4.03
CA VAL B 217 -10.00 -17.89 -4.02
C VAL B 217 -10.13 -18.43 -2.58
N TRP B 218 -9.03 -18.37 -1.78
CA TRP B 218 -9.06 -18.78 -0.40
C TRP B 218 -10.06 -17.90 0.37
N SER B 219 -9.92 -16.58 0.22
CA SER B 219 -10.78 -15.58 0.88
C SER B 219 -12.24 -15.72 0.46
N PHE B 220 -12.49 -16.13 -0.79
CA PHE B 220 -13.82 -16.37 -1.31
C PHE B 220 -14.48 -17.54 -0.57
N GLY B 221 -13.70 -18.57 -0.22
CA GLY B 221 -14.15 -19.71 0.56
C GLY B 221 -14.60 -19.25 1.94
N ILE B 222 -13.82 -18.34 2.55
CA ILE B 222 -14.14 -17.73 3.84
C ILE B 222 -15.40 -16.87 3.74
N LEU B 223 -15.57 -16.15 2.62
CA LEU B 223 -16.72 -15.27 2.39
C LEU B 223 -18.01 -16.08 2.22
N ILE B 224 -17.94 -17.22 1.50
CA ILE B 224 -19.12 -18.05 1.33
C ILE B 224 -19.46 -18.78 2.68
N TRP B 225 -18.48 -19.00 3.59
CA TRP B 225 -18.75 -19.53 4.92
C TRP B 225 -19.44 -18.41 5.75
N GLU B 226 -18.98 -17.16 5.62
CA GLU B 226 -19.67 -16.04 6.26
C GLU B 226 -21.15 -15.94 5.79
N ILE B 227 -21.42 -16.10 4.48
CA ILE B 227 -22.78 -16.03 3.96
C ILE B 227 -23.66 -17.16 4.55
N LEU B 228 -23.17 -18.41 4.46
CA LEU B 228 -23.88 -19.60 4.90
C LEU B 228 -24.11 -19.69 6.39
N THR B 229 -23.24 -19.04 7.20
CA THR B 229 -23.43 -18.93 8.66
C THR B 229 -24.10 -17.60 9.04
N LEU B 230 -24.57 -16.82 8.05
CA LEU B 230 -25.22 -15.53 8.24
C LEU B 230 -24.37 -14.57 9.10
N GLY B 231 -23.15 -14.34 8.67
CA GLY B 231 -22.28 -13.36 9.28
C GLY B 231 -21.64 -13.71 10.59
N HIS B 232 -21.21 -14.97 10.75
CA HIS B 232 -20.46 -15.36 11.94
C HIS B 232 -18.97 -15.01 11.68
N GLN B 233 -18.20 -14.70 12.73
CA GLN B 233 -16.79 -14.38 12.59
C GLN B 233 -16.00 -15.65 12.42
N PRO B 234 -15.15 -15.77 11.40
CA PRO B 234 -14.38 -17.01 11.21
C PRO B 234 -13.43 -17.29 12.37
N TYR B 235 -13.25 -18.56 12.75
CA TYR B 235 -12.40 -19.01 13.87
C TYR B 235 -12.77 -18.23 15.15
N PRO B 236 -14.02 -18.37 15.64
CA PRO B 236 -14.44 -17.55 16.79
C PRO B 236 -13.65 -17.80 18.07
N ALA B 237 -13.29 -19.06 18.32
CA ALA B 237 -12.53 -19.38 19.52
C ALA B 237 -11.03 -19.07 19.40
N HIS B 238 -10.55 -18.61 18.23
CA HIS B 238 -9.13 -18.30 18.05
C HIS B 238 -8.86 -16.82 18.04
N SER B 239 -7.66 -16.45 18.48
CA SER B 239 -7.22 -15.06 18.41
C SER B 239 -6.64 -14.85 17.00
N ASN B 240 -6.33 -13.59 16.62
CA ASN B 240 -5.71 -13.32 15.32
C ASN B 240 -4.34 -14.05 15.21
N LEU B 241 -3.60 -14.13 16.32
CA LEU B 241 -2.32 -14.82 16.42
C LEU B 241 -2.47 -16.37 16.29
N ASP B 242 -3.52 -16.97 16.87
CA ASP B 242 -3.72 -18.42 16.79
C ASP B 242 -4.10 -18.89 15.39
N VAL B 243 -4.77 -18.02 14.60
CA VAL B 243 -5.23 -18.35 13.25
C VAL B 243 -4.05 -18.68 12.30
N LEU B 244 -2.89 -18.01 12.48
CA LEU B 244 -1.70 -18.27 11.66
C LEU B 244 -1.28 -19.76 11.78
N ASN B 245 -1.02 -20.23 13.02
CA ASN B 245 -0.60 -21.59 13.31
C ASN B 245 -1.68 -22.59 12.93
N TYR B 246 -2.95 -22.31 13.28
CA TYR B 246 -4.06 -23.20 12.98
C TYR B 246 -4.18 -23.50 11.47
N VAL B 247 -4.12 -22.47 10.63
CA VAL B 247 -4.22 -22.62 9.18
C VAL B 247 -2.93 -23.18 8.57
N GLN B 248 -1.75 -22.70 9.03
CA GLN B 248 -0.47 -23.21 8.51
C GLN B 248 -0.28 -24.72 8.82
N THR B 249 -0.93 -25.21 9.87
CA THR B 249 -0.82 -26.59 10.32
C THR B 249 -1.88 -27.55 9.65
N GLY B 250 -2.79 -27.00 8.85
CA GLY B 250 -3.80 -27.81 8.18
C GLY B 250 -5.22 -27.69 8.70
N GLY B 251 -5.42 -26.87 9.72
CA GLY B 251 -6.73 -26.65 10.29
C GLY B 251 -7.59 -25.71 9.46
N ARG B 252 -8.87 -26.04 9.31
CA ARG B 252 -9.84 -25.25 8.54
C ARG B 252 -11.08 -24.90 9.40
N LEU B 253 -11.98 -24.06 8.85
CA LEU B 253 -13.24 -23.68 9.51
C LEU B 253 -14.15 -24.91 9.71
N GLU B 254 -15.13 -24.78 10.63
CA GLU B 254 -16.09 -25.86 10.86
C GLU B 254 -17.18 -25.74 9.81
N PRO B 255 -17.78 -26.86 9.38
CA PRO B 255 -18.86 -26.76 8.39
C PRO B 255 -20.05 -26.03 8.97
N PRO B 256 -20.65 -25.11 8.21
CA PRO B 256 -21.84 -24.41 8.71
C PRO B 256 -22.97 -25.40 9.06
N ARG B 257 -23.82 -25.05 10.03
CA ARG B 257 -24.91 -25.91 10.45
C ARG B 257 -25.86 -26.23 9.29
N ASN B 258 -26.10 -27.54 9.05
CA ASN B 258 -26.97 -28.08 8.00
C ASN B 258 -26.56 -27.70 6.56
N CYS B 259 -25.31 -27.25 6.38
CA CYS B 259 -24.75 -26.83 5.11
C CYS B 259 -24.82 -27.92 4.09
N PRO B 260 -25.38 -27.64 2.90
CA PRO B 260 -25.40 -28.65 1.83
C PRO B 260 -24.01 -29.16 1.50
N ASP B 261 -23.93 -30.45 1.23
CA ASP B 261 -22.74 -31.24 0.93
C ASP B 261 -21.88 -30.59 -0.16
N ASP B 262 -22.52 -30.14 -1.20
CA ASP B 262 -21.90 -29.55 -2.37
C ASP B 262 -21.26 -28.20 -2.07
N LEU B 263 -21.84 -27.43 -1.15
CA LEU B 263 -21.27 -26.14 -0.78
C LEU B 263 -20.08 -26.33 0.14
N TRP B 264 -20.15 -27.30 1.07
CA TRP B 264 -19.01 -27.58 1.94
C TRP B 264 -17.84 -28.19 1.17
N ASN B 265 -18.12 -29.00 0.14
CA ASN B 265 -17.08 -29.58 -0.71
C ASN B 265 -16.39 -28.46 -1.46
N LEU B 266 -17.15 -27.52 -2.01
CA LEU B 266 -16.62 -26.37 -2.73
C LEU B 266 -15.76 -25.52 -1.80
N MET B 267 -16.23 -25.26 -0.58
CA MET B 267 -15.49 -24.46 0.39
C MET B 267 -14.15 -25.09 0.73
N THR B 268 -14.14 -26.42 0.88
CA THR B 268 -12.98 -27.24 1.19
C THR B 268 -11.90 -27.11 0.09
N GLN B 269 -12.35 -27.10 -1.15
CA GLN B 269 -11.50 -26.98 -2.32
C GLN B 269 -10.81 -25.63 -2.32
N CYS B 270 -11.57 -24.55 -2.03
CA CYS B 270 -11.04 -23.20 -1.94
C CYS B 270 -9.92 -23.10 -0.92
N TRP B 271 -9.96 -23.94 0.13
CA TRP B 271 -8.96 -23.89 1.16
C TRP B 271 -7.84 -24.94 1.03
N ALA B 272 -7.48 -25.37 -0.19
CA ALA B 272 -6.37 -26.31 -0.40
C ALA B 272 -5.08 -25.64 0.06
N GLN B 273 -4.24 -26.36 0.83
CA GLN B 273 -3.00 -25.78 1.36
C GLN B 273 -2.10 -25.13 0.27
N GLU B 274 -2.01 -25.77 -0.89
CA GLU B 274 -1.23 -25.29 -2.02
C GLU B 274 -2.09 -24.50 -2.98
N PRO B 275 -1.70 -23.26 -3.31
CA PRO B 275 -2.53 -22.40 -4.18
C PRO B 275 -2.89 -22.97 -5.54
N ASP B 276 -2.00 -23.81 -6.10
CA ASP B 276 -2.15 -24.46 -7.39
C ASP B 276 -3.29 -25.50 -7.40
N GLN B 277 -3.58 -26.11 -6.23
CA GLN B 277 -4.65 -27.10 -6.12
C GLN B 277 -6.04 -26.50 -5.90
N ARG B 278 -6.12 -25.19 -5.63
CA ARG B 278 -7.39 -24.49 -5.44
C ARG B 278 -8.06 -24.29 -6.81
N PRO B 279 -9.39 -24.35 -6.88
CA PRO B 279 -10.06 -24.14 -8.17
C PRO B 279 -9.99 -22.68 -8.63
N THR B 280 -10.21 -22.47 -9.92
CA THR B 280 -10.26 -21.13 -10.46
C THR B 280 -11.62 -20.52 -10.13
N PHE B 281 -11.74 -19.20 -10.23
CA PHE B 281 -13.02 -18.55 -10.02
C PHE B 281 -14.05 -19.01 -11.07
N HIS B 282 -13.61 -19.27 -12.32
CA HIS B 282 -14.55 -19.75 -13.35
C HIS B 282 -15.12 -21.12 -13.01
N ARG B 283 -14.28 -21.99 -12.40
CA ARG B 283 -14.71 -23.31 -11.97
C ARG B 283 -15.66 -23.13 -10.80
N ILE B 284 -15.32 -22.27 -9.81
CA ILE B 284 -16.20 -21.97 -8.66
C ILE B 284 -17.59 -21.52 -9.12
N GLN B 285 -17.68 -20.62 -10.12
CA GLN B 285 -18.97 -20.18 -10.61
C GLN B 285 -19.76 -21.33 -11.22
N ASP B 286 -19.09 -22.20 -11.98
CA ASP B 286 -19.72 -23.38 -12.58
C ASP B 286 -20.27 -24.30 -11.47
N GLN B 287 -19.46 -24.56 -10.43
CA GLN B 287 -19.86 -25.38 -9.31
C GLN B 287 -21.08 -24.81 -8.59
N LEU B 288 -21.09 -23.50 -8.35
CA LEU B 288 -22.22 -22.87 -7.67
C LEU B 288 -23.46 -22.92 -8.52
N GLN B 289 -23.30 -22.72 -9.83
CA GLN B 289 -24.37 -22.73 -10.82
C GLN B 289 -24.99 -24.12 -10.92
N LEU B 290 -24.15 -25.16 -10.90
CA LEU B 290 -24.60 -26.56 -10.95
C LEU B 290 -25.42 -26.85 -9.70
N PHE B 291 -24.89 -26.52 -8.50
CA PHE B 291 -25.60 -26.73 -7.25
C PHE B 291 -26.95 -26.00 -7.24
N ARG B 292 -26.99 -24.75 -7.72
CA ARG B 292 -28.23 -24.01 -7.72
C ARG B 292 -29.28 -24.66 -8.62
N ASN B 293 -28.86 -25.19 -9.78
CA ASN B 293 -29.76 -25.85 -10.72
C ASN B 293 -30.25 -27.19 -10.17
N PHE B 294 -29.32 -27.97 -9.61
CA PHE B 294 -29.56 -29.27 -8.99
C PHE B 294 -30.56 -29.11 -7.86
N PHE B 295 -30.33 -28.14 -6.97
CA PHE B 295 -31.17 -27.90 -5.82
C PHE B 295 -32.57 -27.44 -6.23
N LEU B 296 -32.66 -26.56 -7.24
CA LEU B 296 -33.95 -26.07 -7.69
C LEU B 296 -34.80 -27.18 -8.33
N ASN B 297 -34.15 -28.20 -8.92
CA ASN B 297 -34.85 -29.34 -9.52
C ASN B 297 -35.43 -30.29 -8.47
N SER B 298 -34.88 -30.29 -7.23
CA SER B 298 -35.39 -31.09 -6.13
C SER B 298 -36.65 -30.40 -5.60
N ILE B 299 -37.74 -30.48 -6.38
CA ILE B 299 -39.01 -29.84 -6.12
C ILE B 299 -40.15 -30.72 -6.64
#